data_5TBR
#
_entry.id   5TBR
#
_entity_poly.entity_id   1
_entity_poly.type   'polypeptide(L)'
_entity_poly.pdbx_seq_one_letter_code
;GE(CGU)(CGU)LA(CGU)KAA(CGU)FAR(CGU)LANY(NH2)
;
_entity_poly.pdbx_strand_id   A
#
# COMPACT_ATOMS: atom_id res chain seq x y z
N GLY A 1 -3.45 17.77 -0.21
CA GLY A 1 -3.03 17.06 1.04
C GLY A 1 -2.20 15.82 0.68
N GLU A 2 -2.16 14.85 1.53
CA GLU A 2 -1.36 13.62 1.25
C GLU A 2 -2.32 12.45 0.99
N LEU A 5 -0.22 9.70 -1.48
CA LEU A 5 0.83 8.94 -0.75
C LEU A 5 0.20 7.77 -0.02
N ALA A 6 -1.08 7.84 0.24
CA ALA A 6 -1.77 6.72 0.95
C ALA A 6 -2.21 5.66 -0.07
N LYS A 8 -0.68 4.85 -2.67
CA LYS A 8 0.52 4.10 -3.12
C LYS A 8 0.95 3.11 -2.03
N ALA A 9 0.89 3.52 -0.80
CA ALA A 9 1.29 2.59 0.31
C ALA A 9 0.12 1.66 0.62
N ALA A 10 -1.08 2.10 0.32
CA ALA A 10 -2.27 1.24 0.58
C ALA A 10 -2.28 0.07 -0.40
N PHE A 12 0.64 -1.20 -2.17
CA PHE A 12 1.81 -2.09 -1.88
C PHE A 12 1.41 -2.99 -0.71
N ALA A 13 0.53 -2.54 0.13
CA ALA A 13 0.08 -3.40 1.27
C ALA A 13 -0.70 -4.60 0.74
N ARG A 14 -1.75 -4.36 -0.02
CA ARG A 14 -2.56 -5.50 -0.56
C ARG A 14 -1.60 -6.55 -1.14
N LEU A 16 1.36 -7.03 -0.24
CA LEU A 16 2.17 -7.54 0.89
C LEU A 16 1.44 -8.69 1.58
N ALA A 17 0.13 -8.63 1.61
CA ALA A 17 -0.64 -9.71 2.26
C ALA A 17 -0.67 -10.95 1.36
N ASN A 18 -0.63 -10.77 0.07
CA ASN A 18 -0.65 -11.94 -0.86
C ASN A 18 0.70 -12.67 -0.79
N TYR A 19 1.66 -12.11 -0.11
CA TYR A 19 2.99 -12.77 -0.02
C TYR A 19 3.10 -13.49 1.34
N GLY A 1 -1.28 17.64 -3.43
CA GLY A 1 -1.98 17.13 -2.22
C GLY A 1 -1.25 15.87 -1.72
N GLU A 2 -1.75 15.28 -0.66
CA GLU A 2 -1.08 14.06 -0.11
C GLU A 2 -2.08 12.91 -0.08
N LEU A 5 -0.21 9.55 -2.02
CA LEU A 5 0.84 8.87 -1.20
C LEU A 5 0.16 7.84 -0.29
N ALA A 6 -1.00 8.15 0.22
CA ALA A 6 -1.71 7.18 1.11
C ALA A 6 -2.18 5.98 0.28
N LYS A 8 -0.72 4.66 -2.17
CA LYS A 8 0.45 3.77 -2.49
C LYS A 8 0.85 2.99 -1.23
N ALA A 9 0.60 3.52 -0.07
CA ALA A 9 0.98 2.80 1.18
C ALA A 9 -0.06 1.72 1.46
N ALA A 10 -1.32 2.07 1.46
CA ALA A 10 -2.38 1.07 1.72
C ALA A 10 -2.35 -0.01 0.64
N PHE A 12 0.41 -0.97 -1.28
CA PHE A 12 1.62 -1.86 -1.06
C PHE A 12 1.23 -2.94 -0.06
N ALA A 13 0.33 -2.62 0.84
CA ALA A 13 -0.11 -3.64 1.85
C ALA A 13 -0.81 -4.80 1.13
N ARG A 14 -1.86 -4.52 0.38
CA ARG A 14 -2.57 -5.61 -0.34
C ARG A 14 -1.56 -6.54 -1.03
N LEU A 16 1.51 -7.14 -0.11
CA LEU A 16 2.21 -7.92 0.95
C LEU A 16 1.43 -9.21 1.23
N ALA A 17 0.13 -9.13 1.25
CA ALA A 17 -0.69 -10.35 1.53
C ALA A 17 -0.56 -11.33 0.36
N ASN A 18 -0.46 -10.83 -0.84
CA ASN A 18 -0.34 -11.75 -2.01
C ASN A 18 1.02 -12.45 -1.98
N TYR A 19 1.88 -12.07 -1.07
CA TYR A 19 3.20 -12.73 -0.99
C TYR A 19 3.11 -13.94 -0.07
N GLY A 1 2.55 15.06 -1.80
CA GLY A 1 2.41 14.05 -0.71
C GLY A 1 1.09 14.28 0.01
N GLU A 2 0.14 13.40 -0.18
CA GLU A 2 -1.18 13.57 0.50
C GLU A 2 -2.04 12.34 0.25
N LEU A 5 -0.08 9.53 -1.58
CA LEU A 5 0.85 8.81 -0.70
C LEU A 5 0.07 7.75 0.08
N ALA A 6 -1.21 7.93 0.20
CA ALA A 6 -2.04 6.94 0.95
C ALA A 6 -2.47 5.82 -0.01
N LYS A 8 -0.63 4.67 -2.50
CA LYS A 8 0.55 3.81 -2.79
C LYS A 8 0.89 2.97 -1.56
N ALA A 9 0.70 3.51 -0.39
CA ALA A 9 1.02 2.74 0.85
C ALA A 9 -0.07 1.70 1.11
N ALA A 10 -1.31 2.11 1.19
CA ALA A 10 -2.40 1.13 1.44
C ALA A 10 -2.39 0.05 0.36
N PHE A 12 0.45 -1.02 -1.63
CA PHE A 12 1.64 -1.94 -1.44
C PHE A 12 1.26 -2.99 -0.41
N ALA A 13 0.42 -2.65 0.53
CA ALA A 13 -0.01 -3.64 1.56
C ALA A 13 -0.81 -4.76 0.88
N ARG A 14 -1.85 -4.42 0.15
CA ARG A 14 -2.66 -5.48 -0.52
C ARG A 14 -1.73 -6.47 -1.22
N LEU A 16 1.31 -6.94 -0.38
CA LEU A 16 2.22 -7.48 0.66
C LEU A 16 1.58 -8.72 1.31
N ALA A 17 0.28 -8.73 1.45
CA ALA A 17 -0.39 -9.90 2.09
C ALA A 17 -0.40 -11.07 1.10
N ASN A 18 -0.54 -10.78 -0.17
CA ASN A 18 -0.56 -11.88 -1.18
C ASN A 18 0.82 -12.56 -1.23
N TYR A 19 1.83 -11.90 -0.74
CA TYR A 19 3.18 -12.50 -0.75
C TYR A 19 3.53 -13.03 0.64
N GLY A 1 -4.53 16.37 -0.40
CA GLY A 1 -3.65 16.45 0.80
C GLY A 1 -2.85 15.16 0.96
N GLU A 2 -1.76 15.04 0.26
CA GLU A 2 -0.94 13.81 0.37
C GLU A 2 -1.85 12.58 0.27
N LEU A 5 0.10 9.56 -1.65
CA LEU A 5 1.08 8.79 -0.84
C LEU A 5 0.33 7.75 0.00
N ALA A 6 -0.92 8.01 0.30
CA ALA A 6 -1.70 7.04 1.12
C ALA A 6 -2.21 5.91 0.21
N LYS A 8 -0.48 4.66 -2.34
CA LYS A 8 0.67 3.77 -2.67
C LYS A 8 1.01 2.89 -1.46
N ALA A 9 0.77 3.38 -0.28
CA ALA A 9 1.09 2.56 0.93
C ALA A 9 -0.05 1.56 1.16
N ALA A 10 -1.26 2.04 1.24
CA ALA A 10 -2.42 1.12 1.47
C ALA A 10 -2.46 0.06 0.37
N PHE A 12 0.29 -1.09 -1.66
CA PHE A 12 1.44 -2.06 -1.47
C PHE A 12 1.01 -3.09 -0.43
N ALA A 13 0.20 -2.68 0.52
CA ALA A 13 -0.27 -3.65 1.56
C ALA A 13 -1.06 -4.77 0.87
N ARG A 14 -2.08 -4.43 0.13
CA ARG A 14 -2.88 -5.47 -0.57
C ARG A 14 -1.95 -6.48 -1.24
N LEU A 16 1.22 -6.82 -0.43
CA LEU A 16 2.13 -7.32 0.62
C LEU A 16 1.54 -8.59 1.25
N ALA A 17 0.24 -8.65 1.36
CA ALA A 17 -0.39 -9.86 1.97
C ALA A 17 -0.36 -11.02 0.96
N ASN A 18 -0.39 -10.72 -0.30
CA ASN A 18 -0.36 -11.81 -1.32
C ASN A 18 1.07 -12.33 -1.46
N TYR A 19 1.95 -11.90 -0.60
CA TYR A 19 3.36 -12.37 -0.67
C TYR A 19 3.55 -13.55 0.29
N GLY A 1 -1.47 17.50 -0.79
CA GLY A 1 -0.27 16.85 -1.37
C GLY A 1 0.16 15.69 -0.50
N GLU A 2 -0.72 14.77 -0.24
CA GLU A 2 -0.36 13.59 0.62
C GLU A 2 -1.44 12.52 0.49
N LEU A 5 -0.11 9.68 -1.66
CA LEU A 5 0.92 8.86 -0.97
C LEU A 5 0.23 7.76 -0.16
N ALA A 6 -0.90 8.06 0.41
CA ALA A 6 -1.62 7.03 1.22
C ALA A 6 -2.19 5.96 0.28
N LYS A 8 -0.96 4.90 -2.35
CA LYS A 8 0.14 4.02 -2.82
C LYS A 8 0.49 3.02 -1.71
N ALA A 9 0.27 3.38 -0.47
CA ALA A 9 0.58 2.44 0.64
C ALA A 9 -0.57 1.45 0.78
N ALA A 10 -1.78 1.90 0.54
CA ALA A 10 -2.94 0.98 0.65
C ALA A 10 -2.81 -0.12 -0.40
N PHE A 12 0.35 -1.18 -2.03
CA PHE A 12 1.53 -2.04 -1.67
C PHE A 12 1.08 -3.02 -0.59
N ALA A 13 0.13 -2.62 0.22
CA ALA A 13 -0.38 -3.55 1.29
C ALA A 13 -1.08 -4.74 0.63
N ARG A 14 -2.06 -4.49 -0.21
CA ARG A 14 -2.79 -5.60 -0.87
C ARG A 14 -1.79 -6.63 -1.41
N LEU A 16 1.17 -7.00 -0.33
CA LEU A 16 1.99 -7.49 0.81
C LEU A 16 1.37 -8.78 1.37
N ALA A 17 0.07 -8.85 1.42
CA ALA A 17 -0.60 -10.08 1.95
C ALA A 17 -0.25 -11.27 1.04
N ASN A 18 -0.03 -11.02 -0.21
CA ASN A 18 0.31 -12.14 -1.15
C ASN A 18 1.69 -12.69 -0.80
N TYR A 19 2.42 -12.01 0.05
CA TYR A 19 3.77 -12.51 0.43
C TYR A 19 3.65 -13.43 1.64
N GLY A 1 1.24 13.95 4.34
CA GLY A 1 -0.20 13.74 4.68
C GLY A 1 -1.06 14.04 3.45
N GLU A 2 -0.65 13.58 2.30
CA GLU A 2 -1.44 13.83 1.07
C GLU A 2 -2.41 12.67 0.83
N LEU A 5 -0.20 9.73 -1.63
CA LEU A 5 0.83 8.97 -0.87
C LEU A 5 0.13 7.85 -0.09
N ALA A 6 -1.12 8.01 0.21
CA ALA A 6 -1.85 6.95 0.97
C ALA A 6 -2.36 5.89 0.00
N LYS A 8 -0.73 4.90 -2.71
CA LYS A 8 0.42 4.07 -3.15
C LYS A 8 0.85 3.13 -2.02
N ALA A 9 0.76 3.57 -0.80
CA ALA A 9 1.16 2.68 0.33
C ALA A 9 0.03 1.69 0.62
N ALA A 10 -1.19 2.14 0.58
CA ALA A 10 -2.33 1.21 0.86
C ALA A 10 -2.29 0.06 -0.14
N PHE A 12 0.60 -1.12 -1.96
CA PHE A 12 1.79 -1.99 -1.66
C PHE A 12 1.43 -2.90 -0.48
N ALA A 13 0.53 -2.47 0.36
CA ALA A 13 0.13 -3.35 1.52
C ALA A 13 -0.62 -4.57 1.00
N ARG A 14 -1.68 -4.39 0.26
CA ARG A 14 -2.45 -5.56 -0.26
C ARG A 14 -1.48 -6.59 -0.86
N LEU A 16 1.71 -7.28 -0.03
CA LEU A 16 2.40 -8.02 1.07
C LEU A 16 1.50 -9.16 1.58
N ALA A 17 0.21 -8.95 1.57
CA ALA A 17 -0.71 -10.01 2.05
C ALA A 17 -0.79 -11.14 1.03
N ASN A 18 -0.58 -10.84 -0.23
CA ASN A 18 -0.64 -11.91 -1.27
C ASN A 18 0.72 -12.61 -1.37
N TYR A 19 1.58 -12.41 -0.41
CA TYR A 19 2.91 -13.05 -0.46
C TYR A 19 2.87 -14.36 0.34
N GLY A 1 -0.29 15.92 -3.12
CA GLY A 1 0.07 14.47 -3.14
C GLY A 1 -0.17 13.87 -1.75
N GLU A 2 -0.98 14.50 -0.95
CA GLU A 2 -1.24 13.96 0.42
C GLU A 2 -2.23 12.79 0.31
N LEU A 5 -0.05 9.59 -1.87
CA LEU A 5 0.98 8.86 -1.09
C LEU A 5 0.29 7.77 -0.25
N ALA A 6 -0.96 7.98 0.08
CA ALA A 6 -1.69 6.96 0.89
C ALA A 6 -2.14 5.80 -0.03
N LYS A 8 -0.62 4.65 -2.44
CA LYS A 8 0.56 3.81 -2.74
C LYS A 8 0.96 3.02 -1.50
N ALA A 9 0.66 3.51 -0.33
CA ALA A 9 1.03 2.77 0.91
C ALA A 9 -0.03 1.71 1.22
N ALA A 10 -1.27 2.11 1.33
CA ALA A 10 -2.35 1.13 1.63
C ALA A 10 -2.36 0.02 0.56
N PHE A 12 0.23 -1.01 -1.48
CA PHE A 12 1.44 -1.90 -1.30
C PHE A 12 1.09 -2.94 -0.23
N ALA A 13 0.25 -2.58 0.70
CA ALA A 13 -0.15 -3.55 1.77
C ALA A 13 -0.85 -4.75 1.10
N ARG A 14 -1.89 -4.51 0.35
CA ARG A 14 -2.61 -5.63 -0.32
C ARG A 14 -1.58 -6.56 -0.98
N LEU A 16 1.26 -7.06 -0.03
CA LEU A 16 2.04 -7.70 1.06
C LEU A 16 1.36 -9.00 1.49
N ALA A 17 0.07 -9.07 1.34
CA ALA A 17 -0.67 -10.30 1.74
C ALA A 17 -0.56 -11.34 0.62
N ASN A 18 -0.41 -10.90 -0.60
CA ASN A 18 -0.31 -11.88 -1.73
C ASN A 18 1.12 -12.44 -1.80
N TYR A 19 1.97 -12.03 -0.91
CA TYR A 19 3.37 -12.54 -0.92
C TYR A 19 3.56 -13.56 0.20
N GLY A 1 -2.40 17.40 -2.04
CA GLY A 1 -2.98 16.62 -0.90
C GLY A 1 -2.18 15.32 -0.72
N GLU A 2 -1.96 14.93 0.50
CA GLU A 2 -1.17 13.69 0.75
C GLU A 2 -2.09 12.47 0.59
N LEU A 5 -0.16 9.58 -1.47
CA LEU A 5 0.85 8.83 -0.68
C LEU A 5 0.15 7.70 0.08
N ALA A 6 -1.12 7.84 0.35
CA ALA A 6 -1.84 6.76 1.08
C ALA A 6 -2.32 5.69 0.09
N LYS A 8 -0.71 4.75 -2.57
CA LYS A 8 0.47 3.96 -3.01
C LYS A 8 0.89 3.02 -1.89
N ALA A 9 0.79 3.45 -0.66
CA ALA A 9 1.19 2.55 0.47
C ALA A 9 0.04 1.59 0.76
N ALA A 10 -1.18 2.05 0.66
CA ALA A 10 -2.34 1.16 0.94
C ALA A 10 -2.38 0.05 -0.12
N PHE A 12 0.51 -1.18 -1.91
CA PHE A 12 1.66 -2.09 -1.62
C PHE A 12 1.21 -3.06 -0.53
N ALA A 13 0.31 -2.62 0.32
CA ALA A 13 -0.21 -3.53 1.39
C ALA A 13 -0.95 -4.70 0.72
N ARG A 14 -1.95 -4.41 -0.08
CA ARG A 14 -2.70 -5.52 -0.75
C ARG A 14 -1.73 -6.54 -1.34
N LEU A 16 1.66 -6.89 -0.39
CA LEU A 16 2.48 -7.44 0.73
C LEU A 16 1.71 -8.57 1.42
N ALA A 17 0.41 -8.52 1.39
CA ALA A 17 -0.38 -9.59 2.05
C ALA A 17 -0.51 -10.80 1.12
N ASN A 18 -0.49 -10.58 -0.17
CA ASN A 18 -0.61 -11.72 -1.13
C ASN A 18 0.78 -12.29 -1.41
N TYR A 19 1.75 -11.97 -0.59
CA TYR A 19 3.12 -12.49 -0.81
C TYR A 19 3.32 -13.75 0.04
N GLY A 1 -2.62 16.69 -1.04
CA GLY A 1 -1.13 16.58 -1.11
C GLY A 1 -0.66 15.41 -0.25
N GLU A 2 -1.55 14.78 0.45
CA GLU A 2 -1.16 13.63 1.31
C GLU A 2 -2.14 12.48 1.09
N LEU A 5 -0.17 9.65 -1.53
CA LEU A 5 0.86 8.81 -0.85
C LEU A 5 0.18 7.67 -0.09
N ALA A 6 -1.08 7.84 0.25
CA ALA A 6 -1.80 6.76 0.99
C ALA A 6 -2.35 5.74 -0.02
N LYS A 8 -0.81 4.86 -2.76
CA LYS A 8 0.34 4.04 -3.24
C LYS A 8 0.77 3.08 -2.14
N ALA A 9 0.62 3.46 -0.90
CA ALA A 9 1.02 2.55 0.21
C ALA A 9 -0.12 1.57 0.46
N ALA A 10 -1.35 2.03 0.34
CA ALA A 10 -2.50 1.13 0.55
C ALA A 10 -2.42 -0.03 -0.44
N PHE A 12 0.59 -1.21 -2.19
CA PHE A 12 1.76 -2.07 -1.84
C PHE A 12 1.34 -2.95 -0.66
N ALA A 13 0.45 -2.47 0.17
CA ALA A 13 -0.01 -3.30 1.32
C ALA A 13 -0.68 -4.57 0.77
N ARG A 14 -1.68 -4.41 -0.06
CA ARG A 14 -2.37 -5.60 -0.64
C ARG A 14 -1.33 -6.61 -1.13
N LEU A 16 1.75 -6.64 -0.13
CA LEU A 16 2.63 -6.95 1.03
C LEU A 16 2.11 -8.20 1.73
N ALA A 17 0.87 -8.20 2.12
CA ALA A 17 0.30 -9.40 2.80
C ALA A 17 0.56 -10.64 1.96
N ASN A 18 0.69 -10.49 0.67
CA ASN A 18 0.95 -11.67 -0.20
C ASN A 18 2.45 -11.95 -0.25
N TYR A 19 3.20 -11.39 0.67
CA TYR A 19 4.67 -11.65 0.68
C TYR A 19 4.96 -12.97 1.40
N GLY A 1 -2.83 17.16 -0.81
CA GLY A 1 -1.83 17.21 0.30
C GLY A 1 -1.06 15.89 0.35
N GLU A 2 -1.67 14.86 0.87
CA GLU A 2 -0.97 13.55 0.95
C GLU A 2 -1.98 12.41 0.75
N LEU A 5 -0.21 9.68 -1.68
CA LEU A 5 0.85 8.91 -0.99
C LEU A 5 0.21 7.79 -0.16
N ALA A 6 -1.03 7.95 0.19
CA ALA A 6 -1.72 6.88 0.99
C ALA A 6 -2.23 5.80 0.04
N LYS A 8 -0.82 4.88 -2.64
CA LYS A 8 0.34 4.09 -3.14
C LYS A 8 0.85 3.17 -2.02
N ALA A 9 0.67 3.57 -0.78
CA ALA A 9 1.15 2.70 0.34
C ALA A 9 0.04 1.71 0.69
N ALA A 10 -1.20 2.11 0.52
CA ALA A 10 -2.32 1.18 0.83
C ALA A 10 -2.32 0.03 -0.17
N PHE A 12 0.54 -1.20 -1.87
CA PHE A 12 1.69 -2.08 -1.51
C PHE A 12 1.22 -3.03 -0.40
N ALA A 13 0.27 -2.59 0.39
CA ALA A 13 -0.25 -3.49 1.47
C ALA A 13 -0.94 -4.70 0.84
N ARG A 14 -1.93 -4.48 0.01
CA ARG A 14 -2.64 -5.62 -0.64
C ARG A 14 -1.61 -6.62 -1.17
N LEU A 16 1.39 -7.05 -0.03
CA LEU A 16 2.10 -7.64 1.14
C LEU A 16 1.34 -8.88 1.63
N ALA A 17 0.04 -8.84 1.60
CA ALA A 17 -0.75 -10.02 2.05
C ALA A 17 -0.63 -11.14 1.03
N ASN A 18 -0.45 -10.81 -0.22
CA ASN A 18 -0.33 -11.87 -1.26
C ASN A 18 1.10 -12.41 -1.28
N TYR A 19 1.87 -12.12 -0.27
CA TYR A 19 3.26 -12.61 -0.23
C TYR A 19 3.29 -14.01 0.39
N GLY A 1 -1.47 17.56 0.02
CA GLY A 1 -2.65 16.66 -0.18
C GLY A 1 -2.36 15.31 0.48
N GLU A 2 -1.14 14.86 0.44
CA GLU A 2 -0.80 13.55 1.06
C GLU A 2 -1.92 12.55 0.76
N LEU A 5 0.07 9.51 -1.54
CA LEU A 5 1.03 8.70 -0.73
C LEU A 5 0.24 7.68 0.09
N ALA A 6 -1.01 7.94 0.34
CA ALA A 6 -1.83 6.97 1.14
C ALA A 6 -2.43 5.91 0.22
N LYS A 8 -1.06 4.70 -2.34
CA LYS A 8 0.03 3.78 -2.73
C LYS A 8 0.45 2.92 -1.53
N ALA A 9 0.34 3.46 -0.34
CA ALA A 9 0.74 2.68 0.87
C ALA A 9 -0.32 1.61 1.13
N ALA A 10 -1.57 2.00 1.16
CA ALA A 10 -2.66 1.00 1.43
C ALA A 10 -2.62 -0.08 0.34
N PHE A 12 0.13 -1.10 -1.57
CA PHE A 12 1.31 -2.01 -1.33
C PHE A 12 0.87 -3.03 -0.28
N ALA A 13 -0.01 -2.65 0.60
CA ALA A 13 -0.49 -3.62 1.63
C ALA A 13 -1.13 -4.82 0.93
N ARG A 14 -2.12 -4.57 0.10
CA ARG A 14 -2.76 -5.71 -0.62
C ARG A 14 -1.68 -6.62 -1.20
N LEU A 16 1.38 -6.86 -0.14
CA LEU A 16 2.12 -7.45 1.01
C LEU A 16 1.48 -8.77 1.40
N ALA A 17 0.18 -8.84 1.37
CA ALA A 17 -0.52 -10.11 1.74
C ALA A 17 -0.31 -11.16 0.65
N ASN A 18 -0.11 -10.72 -0.57
CA ASN A 18 0.10 -11.70 -1.68
C ASN A 18 1.57 -12.12 -1.72
N TYR A 19 2.35 -11.69 -0.76
CA TYR A 19 3.79 -12.07 -0.75
C TYR A 19 3.96 -13.39 0.02
N GLY A 1 -0.20 17.69 -1.34
CA GLY A 1 -0.58 16.33 -1.84
C GLY A 1 -0.22 15.29 -0.79
N GLU A 2 -1.20 14.71 -0.15
CA GLU A 2 -0.91 13.68 0.89
C GLU A 2 -1.89 12.52 0.74
N LEU A 5 -0.21 9.81 -1.64
CA LEU A 5 0.89 9.06 -0.99
C LEU A 5 0.28 7.88 -0.22
N ALA A 6 -0.92 8.04 0.27
CA ALA A 6 -1.56 6.93 1.03
C ALA A 6 -2.07 5.87 0.06
N LYS A 8 -0.73 4.90 -2.55
CA LYS A 8 0.43 4.08 -3.00
C LYS A 8 0.81 3.09 -1.90
N ALA A 9 0.69 3.48 -0.66
CA ALA A 9 1.04 2.55 0.45
C ALA A 9 -0.12 1.58 0.69
N ALA A 10 -1.33 2.00 0.44
CA ALA A 10 -2.50 1.10 0.65
C ALA A 10 -2.44 -0.05 -0.36
N PHE A 12 0.53 -1.30 -1.91
CA PHE A 12 1.67 -2.20 -1.50
C PHE A 12 1.13 -3.18 -0.46
N ALA A 13 0.14 -2.77 0.29
CA ALA A 13 -0.44 -3.71 1.30
C ALA A 13 -1.14 -4.86 0.59
N ARG A 14 -2.10 -4.56 -0.26
CA ARG A 14 -2.82 -5.65 -0.99
C ARG A 14 -1.82 -6.67 -1.56
N LEU A 16 1.37 -7.11 -0.26
CA LEU A 16 2.13 -7.67 0.88
C LEU A 16 1.39 -8.88 1.45
N ALA A 17 0.14 -8.72 1.76
CA ALA A 17 -0.64 -9.88 2.31
C ALA A 17 -0.55 -11.07 1.37
N ASN A 18 -0.33 -10.81 0.10
CA ASN A 18 -0.24 -11.94 -0.88
C ASN A 18 1.19 -12.46 -0.94
N TYR A 19 2.06 -11.99 -0.08
CA TYR A 19 3.46 -12.46 -0.11
C TYR A 19 3.59 -13.74 0.72
N GLY A 1 0.16 13.75 3.83
CA GLY A 1 0.26 15.10 3.21
C GLY A 1 -0.42 15.08 1.83
N GLU A 2 -0.39 13.97 1.17
CA GLU A 2 -1.03 13.89 -0.19
C GLU A 2 -2.02 12.72 -0.21
N LEU A 5 -0.38 9.56 -2.04
CA LEU A 5 0.63 8.88 -1.18
C LEU A 5 -0.08 7.86 -0.29
N ALA A 6 -1.27 8.17 0.15
CA ALA A 6 -2.01 7.20 1.02
C ALA A 6 -2.47 6.00 0.19
N LYS A 8 -0.83 4.70 -2.26
CA LYS A 8 0.34 3.83 -2.57
C LYS A 8 0.82 3.12 -1.30
N ALA A 9 0.60 3.69 -0.14
CA ALA A 9 1.07 3.03 1.11
C ALA A 9 0.11 1.88 1.46
N ALA A 10 -1.15 2.17 1.57
CA ALA A 10 -2.13 1.10 1.90
C ALA A 10 -2.07 -0.01 0.85
N PHE A 12 0.57 -0.88 -1.09
CA PHE A 12 1.82 -1.70 -0.89
C PHE A 12 1.51 -2.81 0.10
N ALA A 13 0.61 -2.55 1.02
CA ALA A 13 0.25 -3.61 2.02
C ALA A 13 -0.45 -4.78 1.32
N ARG A 14 -1.50 -4.52 0.58
CA ARG A 14 -2.20 -5.62 -0.13
C ARG A 14 -1.19 -6.55 -0.82
N LEU A 16 1.84 -7.38 0.00
CA LEU A 16 2.39 -8.30 1.03
C LEU A 16 1.37 -9.39 1.32
N ALA A 17 0.11 -9.12 1.07
CA ALA A 17 -0.93 -10.16 1.34
C ALA A 17 -0.99 -11.14 0.17
N ASN A 18 -0.63 -10.69 -1.00
CA ASN A 18 -0.67 -11.62 -2.18
C ASN A 18 0.66 -12.39 -2.26
N TYR A 19 1.45 -12.31 -1.23
CA TYR A 19 2.75 -13.05 -1.23
C TYR A 19 2.55 -14.45 -0.66
N GLY A 1 -3.83 17.19 0.53
CA GLY A 1 -2.76 16.82 1.49
C GLY A 1 -2.08 15.53 1.02
N GLU A 2 -1.71 14.68 1.95
CA GLU A 2 -1.05 13.40 1.56
C GLU A 2 -2.12 12.38 1.16
N LEU A 5 0.04 9.59 -1.50
CA LEU A 5 1.01 8.71 -0.79
C LEU A 5 0.23 7.60 -0.08
N ALA A 6 -1.01 7.82 0.19
CA ALA A 6 -1.83 6.77 0.89
C ALA A 6 -2.36 5.78 -0.15
N LYS A 8 -0.86 4.86 -2.79
CA LYS A 8 0.26 4.00 -3.24
C LYS A 8 0.62 3.01 -2.12
N ALA A 9 0.44 3.40 -0.88
CA ALA A 9 0.77 2.47 0.23
C ALA A 9 -0.41 1.53 0.47
N ALA A 10 -1.59 1.96 0.09
CA ALA A 10 -2.78 1.09 0.28
C ALA A 10 -2.68 -0.10 -0.67
N PHE A 12 0.30 -1.32 -2.30
CA PHE A 12 1.46 -2.18 -1.91
C PHE A 12 1.03 -3.07 -0.75
N ALA A 13 0.11 -2.60 0.04
CA ALA A 13 -0.37 -3.44 1.18
C ALA A 13 -1.06 -4.70 0.63
N ARG A 14 -2.06 -4.53 -0.20
CA ARG A 14 -2.77 -5.70 -0.78
C ARG A 14 -1.75 -6.73 -1.28
N LEU A 16 1.63 -6.86 -0.40
CA LEU A 16 2.45 -7.28 0.78
C LEU A 16 1.69 -8.35 1.56
N ALA A 17 0.38 -8.28 1.57
CA ALA A 17 -0.42 -9.30 2.31
C ALA A 17 -0.37 -10.63 1.55
N ASN A 18 -0.25 -10.58 0.25
CA ASN A 18 -0.20 -11.86 -0.54
C ASN A 18 1.23 -12.41 -0.53
N TYR A 19 2.07 -11.90 0.34
CA TYR A 19 3.47 -12.39 0.40
C TYR A 19 3.61 -13.42 1.52
N GLY A 1 2.87 15.80 -2.33
CA GLY A 1 1.83 14.73 -2.43
C GLY A 1 1.33 14.39 -1.01
N GLU A 2 0.07 14.05 -0.89
CA GLU A 2 -0.48 13.71 0.45
C GLU A 2 -1.60 12.69 0.31
N LEU A 5 -0.02 9.55 -1.67
CA LEU A 5 0.92 8.78 -0.83
C LEU A 5 0.13 7.79 0.02
N ALA A 6 -1.13 8.06 0.25
CA ALA A 6 -1.96 7.13 1.08
C ALA A 6 -2.54 6.02 0.18
N LYS A 8 -1.13 4.79 -2.40
CA LYS A 8 -0.04 3.86 -2.79
C LYS A 8 0.41 3.04 -1.57
N ALA A 9 0.30 3.57 -0.39
CA ALA A 9 0.72 2.79 0.82
C ALA A 9 -0.31 1.70 1.10
N ALA A 10 -1.58 2.03 1.01
CA ALA A 10 -2.63 1.01 1.26
C ALA A 10 -2.54 -0.08 0.20
N PHE A 12 0.25 -1.01 -1.69
CA PHE A 12 1.48 -1.86 -1.45
C PHE A 12 1.11 -2.93 -0.42
N ALA A 13 0.20 -2.61 0.46
CA ALA A 13 -0.20 -3.61 1.50
C ALA A 13 -0.88 -4.80 0.82
N ARG A 14 -1.92 -4.57 0.05
CA ARG A 14 -2.61 -5.70 -0.64
C ARG A 14 -1.57 -6.62 -1.29
N LEU A 16 1.40 -7.09 -0.28
CA LEU A 16 2.13 -7.77 0.83
C LEU A 16 1.39 -9.06 1.20
N ALA A 17 0.11 -8.98 1.40
CA ALA A 17 -0.66 -10.20 1.77
C ALA A 17 -0.40 -11.32 0.75
N ASN A 18 -0.14 -10.97 -0.48
CA ASN A 18 0.12 -12.02 -1.51
C ASN A 18 1.45 -12.71 -1.20
N TYR A 19 2.28 -12.10 -0.40
CA TYR A 19 3.58 -12.73 -0.06
C TYR A 19 3.40 -13.68 1.13
N GLY A 1 3.19 14.72 -0.14
CA GLY A 1 2.40 13.49 0.10
C GLY A 1 1.05 13.85 0.74
N GLU A 2 0.04 13.08 0.49
CA GLU A 2 -1.30 13.36 1.09
C GLU A 2 -2.25 12.19 0.82
N LEU A 5 -0.24 9.63 -1.53
CA LEU A 5 0.83 8.92 -0.79
C LEU A 5 0.20 7.73 -0.05
N ALA A 6 -1.06 7.83 0.29
CA ALA A 6 -1.72 6.71 1.00
C ALA A 6 -2.12 5.62 -0.01
N LYS A 8 -0.55 4.82 -2.60
CA LYS A 8 0.66 4.08 -3.04
C LYS A 8 1.10 3.11 -1.94
N ALA A 9 0.90 3.47 -0.69
CA ALA A 9 1.29 2.54 0.42
C ALA A 9 0.12 1.61 0.71
N ALA A 10 -1.08 2.07 0.54
CA ALA A 10 -2.26 1.20 0.81
C ALA A 10 -2.32 0.10 -0.24
N PHE A 12 0.60 -1.18 -2.07
CA PHE A 12 1.75 -2.10 -1.80
C PHE A 12 1.31 -3.07 -0.70
N ALA A 13 0.42 -2.63 0.16
CA ALA A 13 -0.08 -3.54 1.24
C ALA A 13 -0.90 -4.67 0.60
N ARG A 14 -1.91 -4.33 -0.15
CA ARG A 14 -2.74 -5.39 -0.80
C ARG A 14 -1.83 -6.46 -1.44
N LEU A 16 1.91 -6.82 -0.85
CA LEU A 16 2.84 -7.32 0.19
C LEU A 16 2.10 -8.30 1.12
N ALA A 17 0.82 -8.11 1.29
CA ALA A 17 0.04 -9.03 2.17
C ALA A 17 -0.17 -10.36 1.46
N ASN A 18 -0.34 -10.34 0.16
CA ASN A 18 -0.56 -11.61 -0.58
C ASN A 18 0.78 -12.33 -0.76
N TYR A 19 1.81 -11.84 -0.12
CA TYR A 19 3.14 -12.50 -0.24
C TYR A 19 3.27 -13.58 0.83
N GLY A 1 3.10 14.41 -2.17
CA GLY A 1 1.91 13.51 -2.28
C GLY A 1 1.23 13.39 -0.93
N GLU A 2 0.00 13.83 -0.82
CA GLU A 2 -0.72 13.74 0.47
C GLU A 2 -1.75 12.62 0.39
N LEU A 5 -0.24 9.78 -1.78
CA LEU A 5 0.84 9.05 -1.07
C LEU A 5 0.22 7.94 -0.20
N ALA A 6 -0.93 8.19 0.36
CA ALA A 6 -1.58 7.15 1.21
C ALA A 6 -2.15 6.03 0.32
N LYS A 8 -0.83 4.92 -2.39
CA LYS A 8 0.28 4.08 -2.89
C LYS A 8 0.73 3.10 -1.80
N ALA A 9 0.62 3.49 -0.56
CA ALA A 9 1.02 2.57 0.54
C ALA A 9 -0.09 1.56 0.80
N ALA A 10 -1.32 1.97 0.64
CA ALA A 10 -2.45 1.03 0.85
C ALA A 10 -2.38 -0.09 -0.18
N PHE A 12 0.51 -1.30 -1.64
CA PHE A 12 1.62 -2.21 -1.23
C PHE A 12 1.05 -3.22 -0.22
N ALA A 13 0.04 -2.82 0.50
CA ALA A 13 -0.58 -3.75 1.50
C ALA A 13 -1.26 -4.91 0.76
N ARG A 14 -2.17 -4.63 -0.14
CA ARG A 14 -2.85 -5.72 -0.87
C ARG A 14 -1.81 -6.74 -1.35
N LEU A 16 1.23 -7.03 -0.09
CA LEU A 16 1.97 -7.51 1.11
C LEU A 16 1.33 -8.81 1.62
N ALA A 17 0.04 -8.94 1.52
CA ALA A 17 -0.63 -10.18 2.00
C ALA A 17 -0.42 -11.31 0.99
N ASN A 18 -0.28 -10.98 -0.27
CA ASN A 18 -0.07 -12.06 -1.30
C ASN A 18 1.35 -12.61 -1.18
N TYR A 19 2.24 -11.88 -0.56
CA TYR A 19 3.63 -12.38 -0.42
C TYR A 19 3.74 -13.26 0.83
N GLY A 1 -0.57 17.98 -1.49
CA GLY A 1 -1.49 16.83 -1.72
C GLY A 1 -0.93 15.59 -1.01
N GLU A 2 -1.69 15.02 -0.11
CA GLU A 2 -1.22 13.81 0.62
C GLU A 2 -2.25 12.69 0.45
N LEU A 5 -0.18 9.63 -1.82
CA LEU A 5 0.85 8.92 -1.02
C LEU A 5 0.18 7.86 -0.15
N ALA A 6 -1.09 8.01 0.11
CA ALA A 6 -1.81 7.02 0.96
C ALA A 6 -2.30 5.86 0.08
N LYS A 8 -0.86 4.68 -2.44
CA LYS A 8 0.31 3.84 -2.82
C LYS A 8 0.79 3.04 -1.61
N ALA A 9 0.71 3.60 -0.43
CA ALA A 9 1.17 2.87 0.78
C ALA A 9 0.16 1.76 1.11
N ALA A 10 -1.09 2.10 1.23
CA ALA A 10 -2.12 1.08 1.55
C ALA A 10 -2.12 0.01 0.44
N PHE A 12 0.59 -1.08 -1.49
CA PHE A 12 1.75 -2.05 -1.29
C PHE A 12 1.29 -3.11 -0.30
N ALA A 13 0.41 -2.74 0.61
CA ALA A 13 -0.09 -3.74 1.61
C ALA A 13 -0.85 -4.85 0.87
N ARG A 14 -1.84 -4.50 0.07
CA ARG A 14 -2.60 -5.53 -0.67
C ARG A 14 -1.63 -6.53 -1.29
N LEU A 16 1.65 -7.02 -0.42
CA LEU A 16 2.40 -7.67 0.69
C LEU A 16 1.53 -8.78 1.28
N ALA A 17 0.24 -8.70 1.13
CA ALA A 17 -0.66 -9.76 1.68
C ALA A 17 -0.63 -10.97 0.75
N ASN A 18 -0.51 -10.74 -0.54
CA ASN A 18 -0.48 -11.89 -1.49
C ASN A 18 0.80 -12.70 -1.27
N TYR A 19 1.71 -12.19 -0.49
CA TYR A 19 2.97 -12.94 -0.25
C TYR A 19 2.92 -13.58 1.14
N GLY A 1 0.08 15.09 3.91
CA GLY A 1 0.54 16.08 2.90
C GLY A 1 -0.30 15.94 1.63
N GLU A 2 -0.43 14.74 1.13
CA GLU A 2 -1.23 14.53 -0.11
C GLU A 2 -2.07 13.26 0.04
N LEU A 5 -0.02 9.75 -2.23
CA LEU A 5 1.00 8.98 -1.47
C LEU A 5 0.29 7.95 -0.57
N ALA A 6 -0.81 8.33 0.02
CA ALA A 6 -1.53 7.37 0.93
C ALA A 6 -2.10 6.22 0.10
N LYS A 8 -0.66 4.84 -2.46
CA LYS A 8 0.44 3.92 -2.86
C LYS A 8 0.87 3.05 -1.68
N ALA A 9 0.68 3.52 -0.47
CA ALA A 9 1.09 2.71 0.71
C ALA A 9 0.01 1.65 0.98
N ALA A 10 -1.23 2.04 0.98
CA ALA A 10 -2.33 1.06 1.23
C ALA A 10 -2.27 -0.06 0.19
N PHE A 12 0.37 -1.19 -1.58
CA PHE A 12 1.53 -2.11 -1.28
C PHE A 12 1.05 -3.16 -0.26
N ALA A 13 0.13 -2.78 0.59
CA ALA A 13 -0.38 -3.76 1.60
C ALA A 13 -1.09 -4.91 0.87
N ARG A 14 -2.08 -4.62 0.08
CA ARG A 14 -2.80 -5.70 -0.66
C ARG A 14 -1.80 -6.68 -1.26
N LEU A 16 1.19 -7.18 -0.15
CA LEU A 16 1.97 -7.79 0.97
C LEU A 16 1.32 -9.11 1.38
N ALA A 17 0.06 -9.09 1.69
CA ALA A 17 -0.64 -10.34 2.10
C ALA A 17 -0.49 -11.41 1.01
N ASN A 18 -0.31 -10.98 -0.22
CA ASN A 18 -0.17 -11.96 -1.34
C ASN A 18 1.31 -12.34 -1.49
N TYR A 19 2.12 -12.08 -0.49
CA TYR A 19 3.55 -12.44 -0.58
C TYR A 19 3.72 -13.91 -0.24
N GLY A 1 -0.90 17.71 -0.87
CA GLY A 1 -0.62 16.40 -1.54
C GLY A 1 -0.30 15.35 -0.48
N GLU A 2 -1.30 14.78 0.13
CA GLU A 2 -1.06 13.75 1.17
C GLU A 2 -2.09 12.62 1.02
N LEU A 5 -0.24 9.82 -1.76
CA LEU A 5 0.88 9.04 -1.16
C LEU A 5 0.28 7.89 -0.34
N ALA A 6 -0.94 8.03 0.08
CA ALA A 6 -1.59 6.94 0.88
C ALA A 6 -2.12 5.88 -0.08
N LYS A 8 -0.84 4.89 -2.69
CA LYS A 8 0.30 4.05 -3.15
C LYS A 8 0.76 3.14 -2.01
N ALA A 9 0.69 3.58 -0.78
CA ALA A 9 1.11 2.71 0.35
C ALA A 9 0.00 1.69 0.62
N ALA A 10 -1.23 2.07 0.40
CA ALA A 10 -2.35 1.12 0.64
C ALA A 10 -2.26 -0.03 -0.38
N PHE A 12 0.65 -1.19 -1.80
CA PHE A 12 1.80 -2.07 -1.39
C PHE A 12 1.29 -3.07 -0.35
N ALA A 13 0.28 -2.69 0.39
CA ALA A 13 -0.28 -3.62 1.43
C ALA A 13 -0.96 -4.81 0.75
N ARG A 14 -1.94 -4.56 -0.10
CA ARG A 14 -2.64 -5.70 -0.78
C ARG A 14 -1.62 -6.71 -1.30
N LEU A 16 1.51 -7.11 -0.09
CA LEU A 16 2.25 -7.67 1.08
C LEU A 16 1.47 -8.83 1.67
N ALA A 17 0.17 -8.80 1.57
CA ALA A 17 -0.65 -9.92 2.13
C ALA A 17 -0.61 -11.11 1.18
N ASN A 18 -0.52 -10.86 -0.10
CA ASN A 18 -0.47 -11.99 -1.08
C ASN A 18 0.92 -12.60 -1.10
N TYR A 19 1.75 -12.26 -0.14
CA TYR A 19 3.13 -12.83 -0.11
C TYR A 19 3.06 -14.26 0.42
#